data_5F8S
#
_entry.id   5F8S
#
_cell.length_a   52.841
_cell.length_b   71.062
_cell.length_c   93.967
_cell.angle_alpha   90.00
_cell.angle_beta   90.00
_cell.angle_gamma   90.00
#
_symmetry.space_group_name_H-M   'P 21 21 21'
#
loop_
_entity.id
_entity.type
_entity.pdbx_description
1 polymer 'GalNAc/Gal-specific lectin'
2 non-polymer GLYCEROL
3 water water
#
_entity_poly.entity_id   1
_entity_poly.type   'polypeptide(L)'
_entity_poly.pdbx_seq_one_letter_code
;MTTFLIKHKASGKFLHPYGGSSNPANNTKLVLHSDIHERMYFQFDVVDERWGYIKHVASGKIVHPYGGQANPPNETNMVL
HQDRHDRALFAMDFFNDNIMHKGGKYIHPKGGSPNPPNNTETVIHGDKHAAMEFIFVSPKNKDKRVLVYAHHHHHH
;
_entity_poly.pdbx_strand_id   A,B
#
loop_
_chem_comp.id
_chem_comp.type
_chem_comp.name
_chem_comp.formula
GOL non-polymer GLYCEROL 'C3 H8 O3'
#
# COMPACT_ATOMS: atom_id res chain seq x y z
N THR A 2 12.82 5.69 2.36
CA THR A 2 12.41 5.85 3.77
C THR A 2 12.97 4.69 4.59
N THR A 3 13.61 5.01 5.71
CA THR A 3 14.10 4.01 6.63
C THR A 3 13.02 3.70 7.66
N PHE A 4 12.91 2.42 8.03
CA PHE A 4 11.86 2.01 8.95
C PHE A 4 12.30 0.83 9.78
N LEU A 5 11.53 0.61 10.84
CA LEU A 5 11.61 -0.60 11.65
C LEU A 5 10.48 -1.53 11.23
N ILE A 6 10.76 -2.82 11.18
CA ILE A 6 9.75 -3.82 10.89
C ILE A 6 9.27 -4.37 12.24
N LYS A 7 8.06 -3.98 12.62
CA LYS A 7 7.55 -4.24 13.96
C LYS A 7 6.50 -5.33 13.90
N HIS A 8 6.75 -6.42 14.62
CA HIS A 8 5.78 -7.47 14.81
C HIS A 8 4.62 -6.91 15.62
N LYS A 9 3.42 -6.90 15.04
CA LYS A 9 2.35 -6.13 15.61
C LYS A 9 1.91 -6.67 16.96
N ALA A 10 1.81 -7.99 17.08
CA ALA A 10 1.27 -8.57 18.32
C ALA A 10 2.19 -8.39 19.51
N SER A 11 3.50 -8.45 19.29
CA SER A 11 4.48 -8.42 20.40
C SER A 11 5.18 -7.09 20.58
N GLY A 12 5.26 -6.28 19.54
CA GLY A 12 6.06 -5.07 19.57
C GLY A 12 7.54 -5.30 19.40
N LYS A 13 7.97 -6.54 19.16
CA LYS A 13 9.37 -6.78 18.81
C LYS A 13 9.61 -6.45 17.36
N PHE A 14 10.88 -6.42 16.96
CA PHE A 14 11.27 -5.97 15.62
C PHE A 14 12.08 -7.02 14.90
N LEU A 15 12.10 -6.94 13.58
CA LEU A 15 12.96 -7.81 12.78
C LEU A 15 14.42 -7.34 12.92
N HIS A 16 15.31 -8.29 13.19
CA HIS A 16 16.76 -8.05 13.32
C HIS A 16 17.52 -9.14 12.59
N PRO A 17 18.72 -8.84 12.08
CA PRO A 17 19.63 -9.96 11.81
C PRO A 17 20.04 -10.56 13.17
N TYR A 18 20.05 -11.88 13.27
CA TYR A 18 20.51 -12.52 14.50
C TYR A 18 21.94 -12.07 14.79
N GLY A 19 22.15 -11.55 15.99
CA GLY A 19 23.45 -11.02 16.39
C GLY A 19 23.60 -9.52 16.20
N GLY A 20 22.74 -8.89 15.43
CA GLY A 20 22.75 -7.43 15.35
C GLY A 20 23.95 -6.83 14.65
N SER A 21 24.60 -7.55 13.74
CA SER A 21 25.79 -7.01 13.10
C SER A 21 25.48 -5.93 12.07
N SER A 22 26.39 -4.96 11.91
N SER A 22 26.41 -4.98 11.96
CA SER A 22 26.29 -4.04 10.78
CA SER A 22 26.47 -4.02 10.85
C SER A 22 26.61 -4.72 9.46
C SER A 22 26.65 -4.70 9.50
N ASN A 23 27.29 -5.87 9.50
CA ASN A 23 27.55 -6.63 8.28
C ASN A 23 27.35 -8.12 8.53
N PRO A 24 26.09 -8.55 8.64
CA PRO A 24 25.83 -9.97 8.84
C PRO A 24 26.33 -10.78 7.66
N ALA A 25 26.86 -11.97 7.94
CA ALA A 25 27.25 -12.88 6.88
C ALA A 25 26.04 -13.26 6.03
N ASN A 26 26.31 -13.59 4.78
CA ASN A 26 25.27 -14.23 3.98
C ASN A 26 24.64 -15.41 4.72
N ASN A 27 23.32 -15.50 4.61
CA ASN A 27 22.50 -16.54 5.24
C ASN A 27 22.33 -16.41 6.74
N THR A 28 22.67 -15.25 7.29
CA THR A 28 22.32 -14.97 8.68
C THR A 28 20.80 -14.95 8.83
N LYS A 29 20.30 -15.63 9.85
CA LYS A 29 18.86 -15.66 10.09
C LYS A 29 18.33 -14.31 10.55
N LEU A 30 17.09 -14.05 10.16
CA LEU A 30 16.33 -12.91 10.65
C LEU A 30 15.44 -13.35 11.80
N VAL A 31 15.56 -12.66 12.91
CA VAL A 31 14.86 -12.99 14.13
C VAL A 31 14.02 -11.81 14.58
N LEU A 32 13.20 -12.03 15.60
CA LEU A 32 12.54 -10.94 16.28
C LEU A 32 13.26 -10.64 17.58
N HIS A 33 13.40 -9.35 17.89
CA HIS A 33 14.08 -8.92 19.11
C HIS A 33 13.55 -7.56 19.52
N SER A 34 13.49 -7.34 20.82
CA SER A 34 12.94 -6.10 21.37
C SER A 34 13.83 -4.87 21.21
N ASP A 35 15.14 -5.04 21.02
CA ASP A 35 16.03 -3.89 20.96
C ASP A 35 15.75 -3.06 19.68
N ILE A 36 16.09 -1.77 19.75
CA ILE A 36 16.08 -0.88 18.60
C ILE A 36 17.48 -0.31 18.49
N HIS A 37 18.02 -0.31 17.26
CA HIS A 37 19.32 0.29 16.97
C HIS A 37 19.48 0.34 15.46
N GLU A 38 20.49 1.06 14.99
CA GLU A 38 20.63 1.28 13.56
C GLU A 38 20.92 0.01 12.75
N ARG A 39 21.36 -1.06 13.41
CA ARG A 39 21.62 -2.32 12.73
C ARG A 39 20.38 -3.20 12.59
N MET A 40 19.21 -2.65 12.90
CA MET A 40 17.95 -3.31 12.58
C MET A 40 17.02 -2.40 11.77
N TYR A 41 17.56 -1.32 11.21
CA TYR A 41 16.83 -0.49 10.28
C TYR A 41 16.76 -1.17 8.90
N PHE A 42 15.62 -1.00 8.23
CA PHE A 42 15.39 -1.49 6.89
C PHE A 42 14.93 -0.37 5.96
N GLN A 43 15.11 -0.61 4.67
CA GLN A 43 14.56 0.20 3.60
C GLN A 43 13.90 -0.75 2.61
N PHE A 44 13.04 -0.24 1.73
CA PHE A 44 12.39 -1.06 0.73
C PHE A 44 12.73 -0.50 -0.64
N ASP A 45 13.34 -1.33 -1.48
CA ASP A 45 13.73 -0.91 -2.81
C ASP A 45 12.74 -1.48 -3.82
N VAL A 46 11.90 -0.61 -4.36
CA VAL A 46 10.85 -1.03 -5.29
C VAL A 46 11.48 -1.56 -6.57
N VAL A 47 10.98 -2.70 -7.02
CA VAL A 47 11.38 -3.29 -8.29
C VAL A 47 10.27 -3.25 -9.33
N ASP A 48 9.05 -3.62 -8.91
CA ASP A 48 7.93 -3.75 -9.84
C ASP A 48 6.65 -3.49 -9.06
N GLU A 49 6.22 -2.23 -9.02
CA GLU A 49 4.99 -1.80 -8.39
C GLU A 49 5.01 -2.19 -6.90
N ARG A 50 4.20 -3.16 -6.47
CA ARG A 50 4.22 -3.54 -5.05
C ARG A 50 5.46 -4.34 -4.67
N TRP A 51 6.14 -4.95 -5.65
CA TRP A 51 7.19 -5.92 -5.37
C TRP A 51 8.54 -5.24 -5.27
N GLY A 52 9.34 -5.63 -4.28
CA GLY A 52 10.65 -5.06 -4.10
C GLY A 52 11.49 -5.85 -3.13
N TYR A 53 12.64 -5.27 -2.81
CA TYR A 53 13.62 -5.89 -1.93
C TYR A 53 13.59 -5.21 -0.57
N ILE A 54 13.59 -6.04 0.48
CA ILE A 54 13.64 -5.55 1.86
C ILE A 54 15.12 -5.52 2.26
N LYS A 55 15.67 -4.32 2.37
CA LYS A 55 17.11 -4.12 2.50
C LYS A 55 17.50 -3.73 3.91
N HIS A 56 18.42 -4.51 4.48
CA HIS A 56 19.06 -4.20 5.75
C HIS A 56 19.99 -3.01 5.53
N VAL A 57 19.69 -1.87 6.16
CA VAL A 57 20.39 -0.63 5.78
C VAL A 57 21.90 -0.75 6.05
N ALA A 58 22.27 -1.29 7.20
CA ALA A 58 23.67 -1.26 7.58
C ALA A 58 24.58 -2.04 6.63
N SER A 59 24.08 -3.14 6.08
CA SER A 59 24.92 -4.01 5.24
C SER A 59 24.59 -3.95 3.77
N GLY A 60 23.39 -3.50 3.41
CA GLY A 60 22.90 -3.60 2.05
C GLY A 60 22.44 -4.98 1.60
N LYS A 61 22.54 -5.99 2.47
CA LYS A 61 21.96 -7.29 2.14
C LYS A 61 20.44 -7.20 2.24
N ILE A 62 19.75 -8.12 1.57
CA ILE A 62 18.31 -8.10 1.55
C ILE A 62 17.73 -9.40 2.09
N VAL A 63 16.43 -9.38 2.37
CA VAL A 63 15.75 -10.54 2.91
C VAL A 63 15.51 -11.57 1.79
N HIS A 64 15.78 -12.85 2.12
CA HIS A 64 15.51 -13.97 1.23
C HIS A 64 14.88 -15.10 2.02
N PRO A 65 14.07 -15.95 1.37
CA PRO A 65 13.90 -17.31 1.88
C PRO A 65 15.21 -18.07 1.72
N TYR A 66 15.62 -18.85 2.71
CA TYR A 66 16.85 -19.59 2.65
C TYR A 66 16.82 -20.63 1.52
N GLY A 67 17.72 -20.44 0.55
CA GLY A 67 17.76 -21.24 -0.64
C GLY A 67 17.12 -20.59 -1.86
N GLY A 68 16.48 -19.43 -1.69
CA GLY A 68 16.08 -18.65 -2.84
C GLY A 68 14.99 -19.26 -3.69
N GLN A 69 13.99 -19.85 -3.05
CA GLN A 69 12.86 -20.45 -3.76
C GLN A 69 11.87 -19.40 -4.22
N ALA A 70 11.25 -19.65 -5.38
CA ALA A 70 10.09 -18.90 -5.82
C ALA A 70 8.86 -19.26 -4.99
N ASN A 71 8.75 -20.52 -4.57
CA ASN A 71 7.62 -21.01 -3.78
C ASN A 71 8.14 -21.72 -2.54
N PRO A 72 8.81 -20.97 -1.66
CA PRO A 72 9.37 -21.61 -0.46
C PRO A 72 8.30 -22.36 0.34
N PRO A 73 8.64 -23.55 0.83
CA PRO A 73 7.72 -24.25 1.72
C PRO A 73 7.50 -23.53 3.03
N ASN A 74 6.38 -23.83 3.65
CA ASN A 74 6.16 -23.44 5.02
C ASN A 74 7.34 -23.86 5.87
N GLU A 75 7.74 -22.96 6.76
CA GLU A 75 8.84 -23.13 7.72
C GLU A 75 10.22 -22.85 7.13
N THR A 76 10.29 -22.44 5.87
CA THR A 76 11.56 -22.00 5.31
C THR A 76 12.07 -20.79 6.10
N ASN A 77 13.33 -20.84 6.54
CA ASN A 77 13.89 -19.72 7.29
C ASN A 77 14.04 -18.47 6.44
N MET A 78 13.79 -17.30 7.06
CA MET A 78 14.17 -16.03 6.47
C MET A 78 15.61 -15.71 6.84
N VAL A 79 16.36 -15.23 5.85
CA VAL A 79 17.76 -14.88 6.04
C VAL A 79 18.08 -13.58 5.30
N LEU A 80 19.24 -12.99 5.61
CA LEU A 80 19.79 -11.95 4.76
C LEU A 80 20.79 -12.55 3.78
N HIS A 81 20.83 -11.98 2.57
CA HIS A 81 21.80 -12.40 1.57
C HIS A 81 22.04 -11.24 0.63
N GLN A 82 23.27 -11.14 0.13
CA GLN A 82 23.64 -10.10 -0.83
C GLN A 82 22.95 -10.20 -2.18
N ASP A 83 22.53 -11.40 -2.58
CA ASP A 83 22.05 -11.58 -3.94
C ASP A 83 20.73 -10.85 -4.17
N ARG A 84 20.50 -10.46 -5.42
CA ARG A 84 19.23 -9.92 -5.87
C ARG A 84 18.71 -10.79 -6.98
N HIS A 85 17.46 -11.21 -6.86
CA HIS A 85 16.75 -11.91 -7.92
C HIS A 85 15.27 -11.92 -7.55
N ASP A 86 14.45 -12.46 -8.45
CA ASP A 86 13.02 -12.40 -8.27
C ASP A 86 12.46 -13.33 -7.22
N ARG A 87 13.31 -14.15 -6.62
CA ARG A 87 12.88 -14.97 -5.47
C ARG A 87 13.13 -14.27 -4.14
N ALA A 88 13.67 -13.05 -4.18
CA ALA A 88 13.81 -12.22 -2.99
C ALA A 88 12.84 -11.03 -3.05
N LEU A 89 11.81 -11.11 -3.90
CA LEU A 89 10.79 -10.06 -3.95
C LEU A 89 9.73 -10.29 -2.90
N PHE A 90 9.37 -9.19 -2.24
CA PHE A 90 8.29 -9.13 -1.25
C PHE A 90 7.42 -7.92 -1.54
N ALA A 91 6.21 -7.96 -0.98
CA ALA A 91 5.34 -6.80 -0.97
C ALA A 91 5.06 -6.45 0.49
N MET A 92 5.11 -5.15 0.79
CA MET A 92 4.92 -4.63 2.14
C MET A 92 3.49 -4.15 2.26
N ASP A 93 2.60 -5.08 2.65
CA ASP A 93 1.17 -4.79 2.65
C ASP A 93 0.81 -4.03 3.92
N PHE A 94 0.84 -2.71 3.78
CA PHE A 94 0.58 -1.82 4.90
C PHE A 94 -0.90 -1.56 5.14
N PHE A 95 -1.75 -2.21 4.34
CA PHE A 95 -3.19 -2.15 4.53
C PHE A 95 -3.69 -3.35 5.33
N ASN A 96 -3.26 -4.54 4.95
CA ASN A 96 -3.56 -5.75 5.71
C ASN A 96 -2.53 -6.08 6.80
N ASP A 97 -1.45 -5.29 6.84
CA ASP A 97 -0.39 -5.43 7.83
C ASP A 97 0.32 -6.78 7.77
N ASN A 98 0.88 -7.09 6.60
CA ASN A 98 1.71 -8.28 6.49
C ASN A 98 2.81 -8.08 5.46
N ILE A 99 3.74 -9.02 5.43
CA ILE A 99 4.83 -9.02 4.45
C ILE A 99 4.67 -10.30 3.64
N MET A 100 4.37 -10.15 2.35
CA MET A 100 4.13 -11.28 1.47
C MET A 100 5.31 -11.51 0.55
N HIS A 101 5.82 -12.73 0.51
CA HIS A 101 6.81 -13.13 -0.47
C HIS A 101 6.13 -13.31 -1.85
N LYS A 102 6.92 -13.20 -2.92
CA LYS A 102 6.40 -13.31 -4.28
C LYS A 102 5.59 -14.58 -4.52
N GLY A 103 5.92 -15.66 -3.84
CA GLY A 103 5.19 -16.91 -3.99
C GLY A 103 3.83 -16.96 -3.32
N GLY A 104 3.48 -15.94 -2.54
CA GLY A 104 2.16 -15.83 -1.93
C GLY A 104 2.08 -16.14 -0.46
N LYS A 105 3.18 -16.61 0.14
CA LYS A 105 3.21 -16.87 1.57
C LYS A 105 3.75 -15.63 2.30
N TYR A 106 3.79 -15.69 3.63
CA TYR A 106 4.07 -14.51 4.45
C TYR A 106 5.23 -14.75 5.39
N ILE A 107 5.83 -13.67 5.89
CA ILE A 107 6.79 -13.79 6.99
C ILE A 107 6.03 -13.98 8.31
N HIS A 108 6.45 -14.98 9.08
CA HIS A 108 5.90 -15.30 10.39
C HIS A 108 7.03 -15.43 11.42
N PRO A 109 6.72 -15.22 12.70
CA PRO A 109 7.59 -15.81 13.73
C PRO A 109 7.43 -17.33 13.70
N LYS A 110 8.55 -18.04 13.78
CA LYS A 110 8.49 -19.51 13.81
C LYS A 110 7.71 -19.93 15.04
N GLY A 111 6.65 -20.70 14.81
CA GLY A 111 5.75 -21.12 15.86
C GLY A 111 4.50 -20.30 16.03
N GLY A 112 4.45 -19.11 15.43
CA GLY A 112 3.22 -18.33 15.39
C GLY A 112 2.78 -17.69 16.69
N SER A 113 3.70 -17.46 17.62
CA SER A 113 3.33 -16.86 18.89
C SER A 113 2.98 -15.37 18.77
N PRO A 114 1.96 -14.92 19.49
CA PRO A 114 1.73 -13.48 19.60
C PRO A 114 2.80 -12.75 20.43
N ASN A 115 3.59 -13.48 21.24
CA ASN A 115 4.68 -12.86 21.98
C ASN A 115 5.91 -13.75 21.95
N PRO A 116 6.54 -13.86 20.77
CA PRO A 116 7.72 -14.70 20.66
C PRO A 116 8.83 -14.14 21.52
N PRO A 117 9.65 -15.01 22.13
CA PRO A 117 10.78 -14.48 22.88
C PRO A 117 11.85 -13.91 21.97
N ASN A 118 12.70 -13.08 22.55
CA ASN A 118 13.82 -12.56 21.81
C ASN A 118 14.60 -13.66 21.12
N ASN A 119 15.04 -13.35 19.91
CA ASN A 119 15.79 -14.25 19.05
C ASN A 119 14.99 -15.39 18.43
N THR A 120 13.67 -15.30 18.46
CA THR A 120 12.84 -16.21 17.73
C THR A 120 13.08 -16.02 16.24
N GLU A 121 13.32 -17.12 15.54
CA GLU A 121 13.52 -17.09 14.09
C GLU A 121 12.25 -16.74 13.36
N THR A 122 12.40 -16.11 12.19
CA THR A 122 11.28 -15.91 11.30
C THR A 122 11.35 -16.87 10.13
N VAL A 123 10.17 -17.23 9.65
CA VAL A 123 10.01 -18.22 8.59
C VAL A 123 8.92 -17.80 7.62
N ILE A 124 8.90 -18.42 6.46
CA ILE A 124 7.79 -18.36 5.54
C ILE A 124 6.64 -19.22 6.05
N HIS A 125 5.41 -18.74 5.92
CA HIS A 125 4.26 -19.61 6.14
C HIS A 125 3.04 -19.01 5.44
N GLY A 126 2.19 -19.87 4.88
CA GLY A 126 1.02 -19.40 4.17
C GLY A 126 -0.14 -18.93 5.02
N ASP A 127 -0.17 -19.28 6.30
CA ASP A 127 -1.30 -18.94 7.15
C ASP A 127 -1.38 -17.43 7.39
N LYS A 128 -2.60 -16.95 7.60
CA LYS A 128 -2.89 -15.60 8.01
C LYS A 128 -3.57 -15.59 9.36
N HIS A 129 -3.07 -14.77 10.26
CA HIS A 129 -3.63 -14.62 11.60
C HIS A 129 -2.95 -13.42 12.26
N ALA A 130 -3.38 -13.05 13.45
CA ALA A 130 -2.90 -11.82 14.06
C ALA A 130 -1.40 -11.83 14.37
N ALA A 131 -0.85 -13.02 14.61
CA ALA A 131 0.55 -13.15 14.99
C ALA A 131 1.52 -13.17 13.83
N MET A 132 1.03 -13.00 12.60
CA MET A 132 1.93 -12.79 11.45
C MET A 132 1.81 -11.36 10.91
N GLU A 133 1.11 -10.48 11.63
CA GLU A 133 1.02 -9.09 11.20
C GLU A 133 2.25 -8.29 11.58
N PHE A 134 2.61 -7.39 10.66
CA PHE A 134 3.73 -6.46 10.85
C PHE A 134 3.30 -5.07 10.43
N ILE A 135 3.84 -4.07 11.14
CA ILE A 135 3.69 -2.68 10.76
C ILE A 135 5.09 -2.06 10.61
N PHE A 136 5.14 -0.93 9.90
CA PHE A 136 6.41 -0.36 9.45
C PHE A 136 6.50 1.04 10.01
N VAL A 137 7.42 1.25 10.95
CA VAL A 137 7.39 2.44 11.80
C VAL A 137 8.69 3.24 11.76
N SER A 138 8.58 4.47 12.19
CA SER A 138 9.70 5.39 12.20
C SER A 138 10.81 4.91 13.12
N PRO A 139 12.08 5.00 12.69
CA PRO A 139 13.18 4.75 13.64
C PRO A 139 13.19 5.70 14.83
N LYS A 140 12.49 6.83 14.73
CA LYS A 140 12.44 7.82 15.80
C LYS A 140 11.17 7.74 16.63
N ASN A 141 10.22 6.89 16.24
CA ASN A 141 8.98 6.74 16.97
C ASN A 141 8.37 5.42 16.58
N LYS A 142 8.55 4.44 17.45
CA LYS A 142 8.18 3.06 17.15
C LYS A 142 6.68 2.82 17.07
N ASP A 143 5.88 3.86 17.35
CA ASP A 143 4.43 3.78 17.19
C ASP A 143 3.92 4.53 15.97
N LYS A 144 4.80 5.20 15.23
CA LYS A 144 4.37 6.03 14.09
C LYS A 144 4.65 5.27 12.80
N ARG A 145 3.58 4.89 12.11
CA ARG A 145 3.75 4.25 10.81
C ARG A 145 4.34 5.22 9.81
N VAL A 146 5.22 4.68 8.98
CA VAL A 146 5.82 5.44 7.89
C VAL A 146 5.59 4.74 6.56
N LEU A 147 5.56 5.53 5.49
CA LEU A 147 5.36 4.98 4.16
C LEU A 147 6.65 4.37 3.63
N VAL A 148 6.62 3.07 3.34
CA VAL A 148 7.84 2.37 2.92
C VAL A 148 8.06 2.44 1.41
N TYR A 149 7.00 2.78 0.67
CA TYR A 149 7.03 2.86 -0.80
C TYR A 149 7.37 4.25 -1.30
N ALA A 150 8.34 4.27 -2.20
CA ALA A 150 8.76 5.49 -2.88
C ALA A 150 9.58 5.12 -4.13
N THR B 2 4.00 9.89 -9.71
CA THR B 2 3.56 8.96 -10.79
C THR B 2 2.16 9.35 -11.24
N THR B 3 1.95 9.47 -12.54
CA THR B 3 0.62 9.72 -13.10
C THR B 3 -0.04 8.40 -13.42
N PHE B 4 -1.33 8.30 -13.17
CA PHE B 4 -2.05 7.06 -13.33
C PHE B 4 -3.50 7.32 -13.71
N LEU B 5 -4.11 6.26 -14.22
CA LEU B 5 -5.55 6.21 -14.44
C LEU B 5 -6.15 5.46 -13.29
N ILE B 6 -7.34 5.89 -12.86
CA ILE B 6 -8.09 5.19 -11.82
C ILE B 6 -9.12 4.34 -12.51
N LYS B 7 -8.88 3.03 -12.53
CA LYS B 7 -9.69 2.10 -13.32
C LYS B 7 -10.62 1.32 -12.41
N HIS B 8 -11.93 1.45 -12.67
CA HIS B 8 -12.94 0.64 -12.00
C HIS B 8 -12.74 -0.82 -12.45
N LYS B 9 -12.42 -1.69 -11.51
CA LYS B 9 -11.95 -3.02 -11.86
C LYS B 9 -13.00 -3.84 -12.60
N ALA B 10 -14.24 -3.78 -12.13
CA ALA B 10 -15.28 -4.63 -12.68
C ALA B 10 -15.67 -4.26 -14.11
N SER B 11 -15.66 -2.97 -14.43
CA SER B 11 -16.12 -2.52 -15.75
C SER B 11 -15.02 -2.14 -16.70
N GLY B 12 -13.84 -1.80 -16.17
CA GLY B 12 -12.79 -1.24 -16.99
C GLY B 12 -12.95 0.22 -17.33
N LYS B 13 -13.99 0.88 -16.83
CA LYS B 13 -14.12 2.33 -17.01
C LYS B 13 -13.21 3.05 -16.04
N PHE B 14 -13.06 4.37 -16.24
CA PHE B 14 -12.11 5.14 -15.46
C PHE B 14 -12.79 6.28 -14.73
N LEU B 15 -12.17 6.78 -13.66
CA LEU B 15 -12.65 7.98 -12.99
C LEU B 15 -12.33 9.21 -13.83
N HIS B 16 -13.34 10.06 -14.03
CA HIS B 16 -13.25 11.29 -14.81
C HIS B 16 -13.96 12.43 -14.09
N PRO B 17 -13.54 13.69 -14.31
CA PRO B 17 -14.46 14.79 -14.04
C PRO B 17 -15.58 14.75 -15.07
N TYR B 18 -16.84 14.89 -14.63
CA TYR B 18 -17.95 14.94 -15.58
C TYR B 18 -17.71 16.06 -16.57
N GLY B 19 -17.76 15.77 -17.86
CA GLY B 19 -17.54 16.78 -18.91
C GLY B 19 -16.11 16.90 -19.36
N GLY B 20 -15.18 16.22 -18.69
CA GLY B 20 -13.82 16.11 -19.21
C GLY B 20 -13.01 17.38 -19.21
N SER B 21 -13.31 18.30 -18.31
CA SER B 21 -12.62 19.59 -18.37
C SER B 21 -11.19 19.54 -17.87
N SER B 22 -10.36 20.34 -18.53
CA SER B 22 -9.03 20.60 -18.04
C SER B 22 -9.05 21.55 -16.84
N ASN B 23 -10.18 22.22 -16.60
CA ASN B 23 -10.33 23.07 -15.43
C ASN B 23 -11.76 22.98 -14.91
N PRO B 24 -12.11 21.82 -14.33
CA PRO B 24 -13.44 21.68 -13.80
C PRO B 24 -13.73 22.68 -12.69
N ALA B 25 -14.94 23.21 -12.65
CA ALA B 25 -15.35 24.07 -11.54
C ALA B 25 -15.33 23.28 -10.23
N ASN B 26 -15.14 23.99 -9.14
CA ASN B 26 -15.32 23.37 -7.84
C ASN B 26 -16.68 22.68 -7.79
N ASN B 27 -16.66 21.49 -7.18
CA ASN B 27 -17.84 20.63 -7.00
C ASN B 27 -18.33 19.93 -8.26
N THR B 28 -17.51 19.92 -9.30
CA THR B 28 -17.79 19.07 -10.45
C THR B 28 -17.80 17.62 -10.00
N LYS B 29 -18.80 16.85 -10.40
CA LYS B 29 -18.89 15.46 -10.02
C LYS B 29 -17.83 14.61 -10.73
N LEU B 30 -17.38 13.59 -10.01
CA LEU B 30 -16.53 12.56 -10.56
C LEU B 30 -17.38 11.39 -11.00
N VAL B 31 -17.19 10.97 -12.25
CA VAL B 31 -17.99 9.92 -12.87
C VAL B 31 -17.09 8.83 -13.38
N LEU B 32 -17.69 7.73 -13.83
CA LEU B 32 -17.00 6.67 -14.54
C LEU B 32 -17.27 6.79 -16.03
N HIS B 33 -16.22 6.66 -16.84
CA HIS B 33 -16.35 6.79 -18.28
C HIS B 33 -15.24 5.97 -18.94
N SER B 34 -15.54 5.36 -20.08
CA SER B 34 -14.59 4.56 -20.81
C SER B 34 -13.47 5.34 -21.51
N ASP B 35 -13.66 6.62 -21.76
CA ASP B 35 -12.65 7.38 -22.49
C ASP B 35 -11.34 7.45 -21.74
N ILE B 36 -10.26 7.51 -22.51
CA ILE B 36 -8.94 7.83 -22.00
C ILE B 36 -8.46 9.12 -22.65
N HIS B 37 -8.06 10.08 -21.82
CA HIS B 37 -7.50 11.33 -22.29
C HIS B 37 -6.81 12.01 -21.10
N GLU B 38 -6.05 13.06 -21.40
CA GLU B 38 -5.22 13.69 -20.38
C GLU B 38 -5.99 14.32 -19.25
N ARG B 39 -7.28 14.58 -19.45
CA ARG B 39 -8.09 15.18 -18.38
C ARG B 39 -8.73 14.14 -17.48
N MET B 40 -8.29 12.89 -17.57
CA MET B 40 -8.65 11.90 -16.58
C MET B 40 -7.40 11.24 -15.95
N TYR B 41 -6.25 11.89 -16.10
CA TYR B 41 -5.05 11.49 -15.40
C TYR B 41 -5.07 12.03 -13.97
N PHE B 42 -4.58 11.21 -13.05
CA PHE B 42 -4.48 11.57 -11.64
C PHE B 42 -3.06 11.35 -11.12
N GLN B 43 -2.77 11.99 -10.01
CA GLN B 43 -1.56 11.76 -9.22
C GLN B 43 -2.00 11.67 -7.76
N PHE B 44 -1.13 11.15 -6.90
CA PHE B 44 -1.43 11.03 -5.49
C PHE B 44 -0.36 11.79 -4.72
N ASP B 45 -0.80 12.76 -3.91
CA ASP B 45 0.12 13.59 -3.13
C ASP B 45 0.06 13.12 -1.68
N VAL B 46 1.10 12.43 -1.24
CA VAL B 46 1.13 11.88 0.10
C VAL B 46 1.17 13.00 1.14
N VAL B 47 0.34 12.87 2.18
CA VAL B 47 0.31 13.81 3.29
C VAL B 47 0.83 13.15 4.58
N ASP B 48 0.35 11.94 4.86
CA ASP B 48 0.67 11.25 6.11
C ASP B 48 0.61 9.75 5.89
N GLU B 49 1.73 9.16 5.55
CA GLU B 49 1.86 7.70 5.37
C GLU B 49 0.91 7.23 4.26
N ARG B 50 -0.16 6.51 4.58
CA ARG B 50 -1.09 6.06 3.56
C ARG B 50 -2.00 7.18 3.05
N TRP B 51 -2.18 8.23 3.82
CA TRP B 51 -3.17 9.26 3.54
C TRP B 51 -2.62 10.36 2.66
N GLY B 52 -3.43 10.79 1.69
CA GLY B 52 -3.02 11.84 0.81
C GLY B 52 -4.14 12.35 -0.04
N TYR B 53 -3.79 13.23 -0.96
CA TYR B 53 -4.77 13.86 -1.86
C TYR B 53 -4.72 13.21 -3.24
N ILE B 54 -5.90 12.95 -3.79
CA ILE B 54 -6.00 12.41 -5.14
C ILE B 54 -6.19 13.60 -6.06
N LYS B 55 -5.15 13.90 -6.84
CA LYS B 55 -5.10 15.14 -7.60
C LYS B 55 -5.36 14.91 -9.08
N HIS B 56 -6.32 15.67 -9.61
CA HIS B 56 -6.61 15.74 -11.03
C HIS B 56 -5.49 16.50 -11.70
N VAL B 57 -4.71 15.83 -12.54
CA VAL B 57 -3.47 16.45 -13.05
C VAL B 57 -3.74 17.72 -13.83
N ALA B 58 -4.75 17.72 -14.69
CA ALA B 58 -4.93 18.85 -15.59
C ALA B 58 -5.24 20.14 -14.85
N SER B 59 -6.00 20.06 -13.75
CA SER B 59 -6.46 21.25 -13.05
C SER B 59 -5.78 21.51 -11.73
N GLY B 60 -5.19 20.47 -11.13
CA GLY B 60 -4.69 20.56 -9.77
C GLY B 60 -5.72 20.49 -8.67
N LYS B 61 -7.00 20.39 -9.01
CA LYS B 61 -8.03 20.18 -8.00
C LYS B 61 -7.92 18.72 -7.51
N ILE B 62 -8.51 18.46 -6.34
CA ILE B 62 -8.40 17.14 -5.72
C ILE B 62 -9.78 16.57 -5.43
N VAL B 63 -9.79 15.27 -5.18
CA VAL B 63 -11.03 14.57 -4.88
C VAL B 63 -11.52 14.90 -3.45
N HIS B 64 -12.82 15.16 -3.34
CA HIS B 64 -13.49 15.40 -2.06
C HIS B 64 -14.83 14.68 -2.03
N PRO B 65 -15.30 14.29 -0.82
CA PRO B 65 -16.72 14.09 -0.67
C PRO B 65 -17.40 15.45 -0.71
N TYR B 66 -18.48 15.58 -1.46
CA TYR B 66 -19.20 16.86 -1.53
C TYR B 66 -19.59 17.31 -0.14
N GLY B 67 -19.24 18.56 0.21
CA GLY B 67 -19.56 19.11 1.51
C GLY B 67 -18.46 18.94 2.54
N GLY B 68 -17.44 18.14 2.26
CA GLY B 68 -16.26 18.15 3.09
C GLY B 68 -16.46 17.65 4.50
N GLN B 69 -17.36 16.68 4.69
CA GLN B 69 -17.56 16.11 6.02
C GLN B 69 -16.43 15.14 6.39
N ALA B 70 -16.14 15.05 7.69
CA ALA B 70 -15.17 14.08 8.17
C ALA B 70 -15.70 12.66 8.01
N ASN B 71 -17.00 12.48 8.22
CA ASN B 71 -17.66 11.18 8.14
C ASN B 71 -18.85 11.29 7.20
N PRO B 72 -18.56 11.48 5.90
CA PRO B 72 -19.68 11.61 4.96
C PRO B 72 -20.58 10.37 4.97
N PRO B 73 -21.90 10.56 4.91
CA PRO B 73 -22.76 9.39 4.88
C PRO B 73 -22.74 8.67 3.55
N ASN B 74 -23.22 7.44 3.57
CA ASN B 74 -23.40 6.69 2.34
C ASN B 74 -24.18 7.53 1.33
N GLU B 75 -23.75 7.42 0.07
CA GLU B 75 -24.36 8.08 -1.08
C GLU B 75 -23.93 9.52 -1.29
N THR B 76 -23.01 10.03 -0.48
CA THR B 76 -22.47 11.37 -0.69
C THR B 76 -21.71 11.38 -2.01
N ASN B 77 -21.96 12.37 -2.87
CA ASN B 77 -21.28 12.43 -4.15
C ASN B 77 -19.79 12.73 -4.00
N MET B 78 -18.97 12.14 -4.89
CA MET B 78 -17.58 12.52 -5.03
C MET B 78 -17.49 13.65 -6.04
N VAL B 79 -16.64 14.62 -5.72
CA VAL B 79 -16.42 15.79 -6.56
C VAL B 79 -14.95 16.16 -6.58
N LEU B 80 -14.60 17.07 -7.50
CA LEU B 80 -13.31 17.76 -7.43
C LEU B 80 -13.48 19.12 -6.78
N HIS B 81 -12.47 19.56 -6.04
CA HIS B 81 -12.49 20.88 -5.43
C HIS B 81 -11.05 21.30 -5.20
N GLN B 82 -10.78 22.59 -5.30
N GLN B 82 -10.79 22.60 -5.29
CA GLN B 82 -9.44 23.11 -5.07
CA GLN B 82 -9.46 23.15 -5.07
C GLN B 82 -8.95 22.98 -3.63
C GLN B 82 -8.95 23.00 -3.63
N ASP B 83 -9.85 22.93 -2.67
CA ASP B 83 -9.45 23.01 -1.26
C ASP B 83 -8.59 21.84 -0.83
N ARG B 84 -7.64 22.14 0.05
CA ARG B 84 -6.89 21.11 0.78
C ARG B 84 -7.25 21.21 2.26
N HIS B 85 -7.74 20.09 2.79
CA HIS B 85 -8.01 19.94 4.20
C HIS B 85 -8.12 18.45 4.48
N ASP B 86 -8.26 18.10 5.75
CA ASP B 86 -8.19 16.71 6.17
CA ASP B 86 -8.19 16.71 6.15
C ASP B 86 -9.38 15.87 5.71
N ARG B 87 -10.47 16.49 5.26
CA ARG B 87 -11.59 15.72 4.75
C ARG B 87 -11.44 15.36 3.28
N ALA B 88 -10.34 15.76 2.67
CA ALA B 88 -9.96 15.34 1.32
C ALA B 88 -8.86 14.29 1.34
N LEU B 89 -8.61 13.69 2.51
CA LEU B 89 -7.61 12.62 2.61
C LEU B 89 -8.22 11.28 2.26
N PHE B 90 -7.48 10.56 1.41
CA PHE B 90 -7.81 9.20 1.00
C PHE B 90 -6.58 8.32 1.10
N ALA B 91 -6.80 7.01 1.10
CA ALA B 91 -5.74 6.03 0.97
C ALA B 91 -6.03 5.21 -0.29
N MET B 92 -4.97 4.92 -1.05
CA MET B 92 -5.06 4.18 -2.30
C MET B 92 -4.63 2.75 -2.02
N ASP B 93 -5.60 1.92 -1.66
CA ASP B 93 -5.31 0.57 -1.18
C ASP B 93 -5.13 -0.34 -2.38
N PHE B 94 -3.87 -0.44 -2.80
CA PHE B 94 -3.51 -1.24 -3.96
C PHE B 94 -3.33 -2.72 -3.64
N PHE B 95 -3.56 -3.09 -2.37
CA PHE B 95 -3.55 -4.50 -1.97
C PHE B 95 -4.95 -5.09 -1.99
N ASN B 96 -5.91 -4.38 -1.42
CA ASN B 96 -7.31 -4.79 -1.46
C ASN B 96 -8.07 -4.19 -2.65
N ASP B 97 -7.40 -3.32 -3.41
CA ASP B 97 -7.95 -2.69 -4.61
C ASP B 97 -9.17 -1.82 -4.31
N ASN B 98 -8.99 -0.83 -3.45
CA ASN B 98 -10.05 0.13 -3.22
C ASN B 98 -9.48 1.48 -2.87
N ILE B 99 -10.36 2.49 -2.84
CA ILE B 99 -10.00 3.83 -2.44
C ILE B 99 -10.83 4.19 -1.23
N MET B 100 -10.15 4.42 -0.10
CA MET B 100 -10.81 4.68 1.18
C MET B 100 -10.64 6.13 1.57
N HIS B 101 -11.77 6.78 1.90
CA HIS B 101 -11.75 8.11 2.51
C HIS B 101 -11.32 7.99 3.97
N LYS B 102 -10.77 9.08 4.50
CA LYS B 102 -10.29 9.12 5.88
C LYS B 102 -11.34 8.67 6.90
N GLY B 103 -12.61 8.89 6.62
CA GLY B 103 -13.68 8.50 7.54
C GLY B 103 -14.03 7.01 7.50
N GLY B 104 -13.38 6.25 6.63
CA GLY B 104 -13.50 4.79 6.62
C GLY B 104 -14.38 4.20 5.54
N LYS B 105 -15.06 5.03 4.78
CA LYS B 105 -15.89 4.55 3.67
C LYS B 105 -15.08 4.63 2.36
N TYR B 106 -15.65 4.11 1.29
CA TYR B 106 -14.94 3.91 0.04
C TYR B 106 -15.62 4.62 -1.12
N ILE B 107 -14.87 4.83 -2.21
CA ILE B 107 -15.48 5.30 -3.45
C ILE B 107 -16.18 4.15 -4.17
N HIS B 108 -17.42 4.39 -4.59
CA HIS B 108 -18.29 3.41 -5.25
C HIS B 108 -18.90 4.02 -6.52
N PRO B 109 -19.29 3.16 -7.47
CA PRO B 109 -20.25 3.61 -8.48
C PRO B 109 -21.62 3.84 -7.82
N LYS B 110 -22.27 4.97 -8.12
CA LYS B 110 -23.60 5.21 -7.59
C LYS B 110 -24.54 4.05 -7.96
N GLY B 111 -25.20 3.49 -6.95
CA GLY B 111 -26.15 2.39 -7.15
C GLY B 111 -25.56 1.01 -7.23
N GLY B 112 -24.23 0.89 -7.26
CA GLY B 112 -23.56 -0.41 -7.11
C GLY B 112 -23.38 -1.26 -8.35
N SER B 113 -23.76 -0.79 -9.54
CA SER B 113 -23.59 -1.63 -10.72
C SER B 113 -22.11 -1.94 -10.98
N PRO B 114 -21.78 -3.21 -11.28
CA PRO B 114 -20.43 -3.53 -11.74
C PRO B 114 -20.15 -3.16 -13.18
N ASN B 115 -21.21 -2.88 -13.94
CA ASN B 115 -21.07 -2.48 -15.34
C ASN B 115 -21.92 -1.25 -15.63
N PRO B 116 -21.60 -0.14 -14.94
CA PRO B 116 -22.41 1.05 -15.09
C PRO B 116 -22.15 1.73 -16.43
N PRO B 117 -23.14 2.51 -16.90
CA PRO B 117 -22.95 3.22 -18.14
C PRO B 117 -22.01 4.40 -17.99
N ASN B 118 -21.52 4.92 -19.11
CA ASN B 118 -20.73 6.12 -19.10
C ASN B 118 -21.46 7.26 -18.38
N ASN B 119 -20.66 8.03 -17.66
CA ASN B 119 -21.11 9.18 -16.87
C ASN B 119 -21.89 8.81 -15.61
N THR B 120 -21.75 7.57 -15.15
CA THR B 120 -22.29 7.19 -13.84
C THR B 120 -21.52 7.92 -12.76
N GLU B 121 -22.25 8.56 -11.85
CA GLU B 121 -21.65 9.26 -10.73
C GLU B 121 -21.00 8.30 -9.76
N THR B 122 -19.99 8.80 -9.04
CA THR B 122 -19.40 8.06 -7.94
C THR B 122 -19.79 8.68 -6.61
N VAL B 123 -19.86 7.83 -5.59
CA VAL B 123 -20.30 8.20 -4.27
C VAL B 123 -19.45 7.53 -3.22
N ILE B 124 -19.56 8.03 -2.00
CA ILE B 124 -19.05 7.37 -0.80
C ILE B 124 -20.00 6.23 -0.39
N HIS B 125 -19.46 5.09 0.01
CA HIS B 125 -20.28 4.07 0.65
C HIS B 125 -19.40 3.16 1.47
N GLY B 126 -19.90 2.73 2.63
CA GLY B 126 -19.14 1.85 3.49
C GLY B 126 -18.99 0.42 3.04
N ASP B 127 -19.81 -0.04 2.11
CA ASP B 127 -19.77 -1.44 1.70
C ASP B 127 -18.47 -1.79 0.99
N LYS B 128 -18.08 -3.06 1.12
CA LYS B 128 -16.96 -3.62 0.38
C LYS B 128 -17.47 -4.78 -0.44
N HIS B 129 -17.19 -4.76 -1.74
CA HIS B 129 -17.62 -5.78 -2.68
C HIS B 129 -16.87 -5.57 -4.00
N ALA B 130 -17.11 -6.45 -4.96
CA ALA B 130 -16.34 -6.40 -6.19
C ALA B 130 -16.56 -5.14 -6.99
N ALA B 131 -17.76 -4.58 -6.92
CA ALA B 131 -18.07 -3.40 -7.73
C ALA B 131 -17.54 -2.09 -7.18
N MET B 132 -16.87 -2.09 -6.02
CA MET B 132 -16.17 -0.90 -5.55
C MET B 132 -14.66 -1.01 -5.68
N GLU B 133 -14.17 -2.04 -6.37
CA GLU B 133 -12.74 -2.19 -6.52
C GLU B 133 -12.21 -1.30 -7.64
N PHE B 134 -11.03 -0.74 -7.39
CA PHE B 134 -10.29 0.07 -8.35
C PHE B 134 -8.83 -0.36 -8.38
N ILE B 135 -8.24 -0.26 -9.58
CA ILE B 135 -6.81 -0.45 -9.76
C ILE B 135 -6.24 0.79 -10.43
N PHE B 136 -4.92 0.94 -10.31
CA PHE B 136 -4.26 2.20 -10.64
C PHE B 136 -3.23 1.87 -11.70
N VAL B 137 -3.43 2.37 -12.92
CA VAL B 137 -2.72 1.85 -14.08
C VAL B 137 -2.03 2.95 -14.87
N SER B 138 -1.11 2.51 -15.71
CA SER B 138 -0.33 3.42 -16.54
C SER B 138 -1.18 4.12 -17.59
N PRO B 139 -0.97 5.43 -17.79
CA PRO B 139 -1.65 6.09 -18.90
C PRO B 139 -1.29 5.51 -20.27
N LYS B 140 -0.15 4.84 -20.35
CA LYS B 140 0.31 4.24 -21.60
C LYS B 140 -0.06 2.78 -21.71
N ASN B 141 -0.62 2.18 -20.66
CA ASN B 141 -1.02 0.79 -20.70
C ASN B 141 -2.03 0.55 -19.60
N LYS B 142 -3.30 0.59 -19.99
CA LYS B 142 -4.38 0.53 -19.00
C LYS B 142 -4.52 -0.82 -18.27
N ASP B 143 -3.70 -1.81 -18.66
CA ASP B 143 -3.65 -3.08 -17.94
C ASP B 143 -2.45 -3.22 -17.03
N LYS B 144 -1.57 -2.22 -16.99
CA LYS B 144 -0.36 -2.28 -16.20
C LYS B 144 -0.51 -1.46 -14.93
N ARG B 145 -0.54 -2.14 -13.78
CA ARG B 145 -0.59 -1.44 -12.52
C ARG B 145 0.70 -0.66 -12.31
N VAL B 146 0.56 0.54 -11.74
CA VAL B 146 1.69 1.38 -11.37
C VAL B 146 1.59 1.76 -9.90
N LEU B 147 2.73 2.01 -9.30
CA LEU B 147 2.81 2.39 -7.89
C LEU B 147 2.45 3.86 -7.74
N VAL B 148 1.38 4.14 -6.99
CA VAL B 148 0.91 5.52 -6.88
C VAL B 148 1.59 6.30 -5.75
N TYR B 149 2.21 5.57 -4.82
CA TYR B 149 2.91 6.13 -3.67
C TYR B 149 4.36 6.48 -3.98
N ALA B 150 4.71 7.73 -3.68
CA ALA B 150 6.09 8.21 -3.68
C ALA B 150 6.24 9.49 -2.85
C1 GOL C . 4.74 -20.52 11.71
O1 GOL C . 5.85 -21.26 12.21
C2 GOL C . 3.42 -21.08 12.13
O2 GOL C . 3.28 -21.54 13.40
C3 GOL C . 2.25 -20.45 11.54
O3 GOL C . 2.12 -19.16 12.20
C1 GOL D . 20.16 -16.48 -2.17
O1 GOL D . 18.79 -16.51 -2.67
C2 GOL D . 20.33 -17.59 -1.17
O2 GOL D . 19.99 -18.85 -1.75
C3 GOL D . 19.45 -17.29 0.02
O3 GOL D . 19.69 -18.35 0.95
C1 GOL E . 19.85 -7.65 18.93
O1 GOL E . 20.22 -6.91 17.73
C2 GOL E . 20.22 -9.13 18.83
O2 GOL E . 21.64 -9.23 18.68
C3 GOL E . 19.53 -9.76 17.65
O3 GOL E . 19.88 -11.17 17.61
C1 GOL F . 21.44 -22.92 0.67
O1 GOL F . 21.87 -23.83 -0.35
C2 GOL F . 21.68 -21.46 0.27
O2 GOL F . 21.15 -21.19 -1.02
C3 GOL F . 23.15 -21.11 0.26
O3 GOL F . 23.20 -19.69 -0.02
C1 GOL G . -15.50 11.76 -21.03
O1 GOL G . -14.62 12.15 -22.11
C2 GOL G . -15.54 12.87 -20.01
O2 GOL G . -14.18 13.11 -19.58
C3 GOL G . -16.44 12.50 -18.82
O3 GOL G . -17.78 13.00 -19.04
C1 GOL H . -23.31 -0.04 -2.11
O1 GOL H . -23.15 -1.45 -1.98
C2 GOL H . -23.34 0.31 -3.57
O2 GOL H . -22.16 -0.11 -4.20
C3 GOL H . -23.52 1.79 -3.77
O3 GOL H . -24.88 2.09 -3.51
C1 GOL I . -14.59 21.56 -0.19
O1 GOL I . -14.03 22.18 0.98
C2 GOL I . -15.65 20.55 0.11
O2 GOL I . -14.81 19.64 0.89
C3 GOL I . -16.18 19.88 -1.16
O3 GOL I . -17.53 20.25 -1.50
C1 GOL J . -21.08 23.00 -0.69
O1 GOL J . -21.43 23.85 0.41
C2 GOL J . -19.57 22.91 -0.78
O2 GOL J . -19.05 22.39 0.46
C3 GOL J . -18.99 24.28 -1.04
O3 GOL J . -17.93 24.14 -2.02
#